data_3TPV
#
_entry.id   3TPV
#
_cell.length_a   133.700
_cell.length_b   133.700
_cell.length_c   48.500
_cell.angle_alpha   90.00
_cell.angle_beta   90.00
_cell.angle_gamma   120.00
#
_symmetry.space_group_name_H-M   'P 65'
#
loop_
_entity.id
_entity.type
_entity.pdbx_description
1 polymer 'Serine/threonine-protein kinase HipA'
2 non-polymer ADENINE
3 non-polymer 'SULFATE ION'
4 water water
#
_entity_poly.entity_id   1
_entity_poly.type   'polypeptide(L)'
_entity_poly.pdbx_seq_one_letter_code
;MPKLVTWMNNQRVGELTKLANGAHTFKYAPEWLASRYARPLSLSLPLQRGNITSDAVFNFFDNLLPDSPIVRDRIVKRYH
AKSRQPFDLLSEIGRDSVGAVTLIPEDETVTHPIMAWEKLTEARLEEVLTAYKADIPLGMIREENDFRI(SEP)VAGAQE
KTALLRIGNDWCIPKGITPTTHIIKLPIGEIRQPNATLDLSQSVDNEYYCLLLAKELGLNVPDAEIIKAGNVRALAVERF
DRRWNARRTVLLRLPQEDMCQTFGLPSSVKYESDGGPGIARIMAFLMGSSEALKDRYDFMKFQVFQWLIGATDGHAKNFS
VFIQAGGSYRLTPFYDIISAFPVLGGTGIHISDLKLAMGLNASKGKKTAIDKIYPRHFLATAKVLRFPEVQMHEILSDFA
RMIPAALDNVKTSLPTDFPENVVTAVESNVLRLHGRLSREYGSK
;
_entity_poly.pdbx_strand_id   B
#
# COMPACT_ATOMS: atom_id res chain seq x y z
N MET A 1 -16.59 -21.62 15.78
CA MET A 1 -15.99 -20.33 16.26
C MET A 1 -17.06 -19.23 16.28
N PRO A 2 -17.13 -18.47 17.39
CA PRO A 2 -18.09 -17.37 17.58
C PRO A 2 -18.19 -16.40 16.39
N LYS A 3 -19.02 -15.38 16.53
CA LYS A 3 -19.22 -14.42 15.46
C LYS A 3 -18.70 -12.99 15.74
N LEU A 4 -18.57 -12.24 14.65
CA LEU A 4 -18.14 -10.86 14.66
C LEU A 4 -18.86 -10.20 13.49
N VAL A 5 -19.97 -9.52 13.77
CA VAL A 5 -20.76 -8.85 12.75
C VAL A 5 -19.91 -7.93 11.86
N THR A 6 -19.94 -8.17 10.55
CA THR A 6 -19.19 -7.38 9.59
C THR A 6 -20.00 -6.15 9.23
N TRP A 7 -19.40 -4.98 9.38
CA TRP A 7 -20.09 -3.73 9.06
C TRP A 7 -19.37 -2.86 8.02
N MET A 8 -20.17 -2.16 7.22
CA MET A 8 -19.67 -1.26 6.21
C MET A 8 -20.21 0.10 6.65
N ASN A 9 -19.41 0.84 7.40
CA ASN A 9 -19.79 2.13 7.92
C ASN A 9 -20.91 1.92 8.96
N ASN A 10 -22.16 2.08 8.56
CA ASN A 10 -23.28 1.90 9.45
C ASN A 10 -24.26 0.83 8.99
N GLN A 11 -23.81 -0.05 8.09
CA GLN A 11 -24.67 -1.10 7.59
C GLN A 11 -24.13 -2.48 7.90
N ARG A 12 -25.02 -3.40 8.25
CA ARG A 12 -24.66 -4.77 8.55
C ARG A 12 -24.43 -5.50 7.23
N VAL A 13 -23.24 -6.08 7.06
CA VAL A 13 -22.88 -6.78 5.83
C VAL A 13 -23.02 -8.29 5.96
N GLY A 14 -22.52 -8.83 7.05
CA GLY A 14 -22.57 -10.26 7.25
C GLY A 14 -21.92 -10.70 8.54
N GLU A 15 -21.57 -11.99 8.63
CA GLU A 15 -20.95 -12.53 9.84
C GLU A 15 -19.81 -13.49 9.49
N LEU A 16 -18.79 -13.52 10.37
CA LEU A 16 -17.64 -14.38 10.16
C LEU A 16 -17.43 -15.34 11.34
N THR A 17 -17.03 -16.57 11.01
CA THR A 17 -16.77 -17.59 12.02
C THR A 17 -15.68 -18.54 11.56
N LYS A 18 -15.47 -19.62 12.31
CA LYS A 18 -14.45 -20.61 11.97
C LYS A 18 -14.80 -21.97 12.60
N LEU A 19 -14.14 -23.03 12.13
CA LEU A 19 -14.40 -24.36 12.65
C LEU A 19 -13.16 -24.96 13.28
N ALA A 20 -13.37 -25.91 14.20
CA ALA A 20 -12.27 -26.57 14.90
C ALA A 20 -11.54 -27.53 13.97
N ASN A 21 -12.13 -27.79 12.81
CA ASN A 21 -11.53 -28.70 11.83
C ASN A 21 -10.42 -28.00 11.05
N GLY A 22 -10.30 -26.69 11.25
CA GLY A 22 -9.27 -25.93 10.54
C GLY A 22 -9.82 -25.20 9.32
N ALA A 23 -11.15 -25.19 9.18
CA ALA A 23 -11.79 -24.50 8.07
C ALA A 23 -12.38 -23.18 8.54
N HIS A 24 -12.62 -22.28 7.58
CA HIS A 24 -13.19 -20.95 7.91
C HIS A 24 -14.32 -20.61 6.94
N THR A 25 -15.31 -19.85 7.42
CA THR A 25 -16.45 -19.49 6.59
C THR A 25 -16.98 -18.08 6.88
N PHE A 26 -17.86 -17.60 5.99
CA PHE A 26 -18.46 -16.28 6.12
C PHE A 26 -19.90 -16.33 5.57
N LYS A 27 -20.76 -15.46 6.08
CA LYS A 27 -22.13 -15.43 5.62
C LYS A 27 -22.66 -14.00 5.43
N TYR A 28 -23.28 -13.76 4.27
CA TYR A 28 -23.83 -12.42 3.97
C TYR A 28 -25.19 -12.20 4.63
N ALA A 29 -25.40 -11.00 5.12
CA ALA A 29 -26.65 -10.62 5.77
C ALA A 29 -27.75 -10.57 4.66
N PRO A 30 -28.83 -11.35 4.85
CA PRO A 30 -29.93 -11.38 3.88
C PRO A 30 -30.43 -9.98 3.48
N GLU A 31 -30.57 -9.06 4.46
CA GLU A 31 -31.05 -7.75 4.16
C GLU A 31 -30.02 -6.94 3.34
N TRP A 32 -28.77 -7.39 3.39
CA TRP A 32 -27.70 -6.75 2.67
C TRP A 32 -27.85 -7.16 1.21
N LEU A 33 -28.02 -8.47 1.00
CA LEU A 33 -28.18 -9.03 -0.32
C LEU A 33 -29.50 -8.55 -0.96
N ALA A 34 -30.40 -8.02 -0.13
CA ALA A 34 -31.68 -7.55 -0.59
C ALA A 34 -31.65 -6.07 -1.02
N SER A 35 -30.64 -5.33 -0.55
CA SER A 35 -30.56 -3.92 -0.91
C SER A 35 -30.08 -3.76 -2.36
N ARG A 36 -30.59 -2.74 -3.02
CA ARG A 36 -30.21 -2.48 -4.40
C ARG A 36 -28.80 -1.92 -4.45
N TYR A 37 -28.37 -1.31 -3.35
CA TYR A 37 -27.04 -0.74 -3.25
C TYR A 37 -26.09 -1.67 -2.51
N ALA A 38 -26.27 -2.97 -2.73
CA ALA A 38 -25.41 -3.97 -2.11
C ALA A 38 -24.14 -4.18 -2.94
N ARG A 39 -23.15 -4.80 -2.34
CA ARG A 39 -21.87 -5.08 -3.03
C ARG A 39 -21.04 -6.06 -2.22
N PRO A 40 -20.34 -6.96 -2.91
CA PRO A 40 -19.50 -7.97 -2.24
C PRO A 40 -18.35 -7.36 -1.44
N LEU A 41 -18.04 -7.99 -0.30
CA LEU A 41 -16.95 -7.51 0.56
C LEU A 41 -15.60 -7.72 -0.16
N SER A 42 -15.58 -8.67 -1.09
CA SER A 42 -14.39 -8.96 -1.86
C SER A 42 -14.77 -9.56 -3.21
N LEU A 43 -14.05 -9.18 -4.26
CA LEU A 43 -14.34 -9.71 -5.59
C LEU A 43 -14.09 -11.20 -5.64
N SER A 44 -13.36 -11.71 -4.66
CA SER A 44 -13.09 -13.14 -4.60
C SER A 44 -14.21 -13.85 -3.83
N LEU A 45 -15.05 -13.05 -3.17
CA LEU A 45 -16.16 -13.59 -2.39
C LEU A 45 -17.46 -12.98 -2.93
N PRO A 46 -17.86 -13.38 -4.15
CA PRO A 46 -19.09 -12.89 -4.83
C PRO A 46 -20.33 -12.87 -3.95
N LEU A 47 -21.16 -11.85 -4.12
CA LEU A 47 -22.39 -11.76 -3.35
C LEU A 47 -23.20 -13.01 -3.56
N GLN A 48 -23.67 -13.61 -2.48
CA GLN A 48 -24.43 -14.86 -2.58
C GLN A 48 -25.12 -15.20 -1.26
N ARG A 49 -25.96 -16.22 -1.29
CA ARG A 49 -26.68 -16.65 -0.10
C ARG A 49 -25.98 -17.87 0.51
N GLY A 50 -26.11 -17.99 1.82
CA GLY A 50 -25.48 -19.13 2.48
C GLY A 50 -23.98 -18.87 2.75
N ASN A 51 -23.47 -19.48 3.83
CA ASN A 51 -22.07 -19.30 4.21
C ASN A 51 -21.10 -19.74 3.13
N ILE A 52 -19.96 -19.05 3.07
CA ILE A 52 -18.93 -19.35 2.09
C ILE A 52 -17.78 -20.04 2.84
N THR A 53 -17.32 -21.17 2.30
CA THR A 53 -16.27 -21.96 2.94
C THR A 53 -14.97 -21.97 2.16
N SER A 54 -14.98 -21.41 0.94
CA SER A 54 -13.78 -21.36 0.11
C SER A 54 -12.61 -20.72 0.87
N ASP A 55 -11.40 -21.04 0.45
CA ASP A 55 -10.22 -20.50 1.08
C ASP A 55 -10.21 -18.96 0.98
N ALA A 56 -10.90 -18.43 -0.03
CA ALA A 56 -10.97 -17.01 -0.26
C ALA A 56 -11.43 -16.28 1.00
N VAL A 57 -12.21 -16.97 1.84
CA VAL A 57 -12.72 -16.37 3.08
C VAL A 57 -11.56 -16.10 4.04
N PHE A 58 -10.71 -17.10 4.23
CA PHE A 58 -9.58 -16.97 5.13
C PHE A 58 -8.56 -15.99 4.52
N ASN A 59 -8.17 -16.26 3.26
CA ASN A 59 -7.21 -15.41 2.55
C ASN A 59 -7.60 -13.94 2.64
N PHE A 60 -8.85 -13.62 2.33
CA PHE A 60 -9.29 -12.25 2.37
C PHE A 60 -9.05 -11.61 3.71
N PHE A 61 -9.51 -12.27 4.77
CA PHE A 61 -9.31 -11.73 6.12
C PHE A 61 -7.84 -11.86 6.58
N ASP A 62 -7.16 -12.88 6.09
CA ASP A 62 -5.75 -13.08 6.46
C ASP A 62 -4.87 -12.05 5.80
N ASN A 63 -5.40 -11.44 4.71
CA ASN A 63 -4.69 -10.40 3.97
C ASN A 63 -4.98 -9.07 4.60
N LEU A 64 -5.83 -9.06 5.61
CA LEU A 64 -6.17 -7.86 6.33
C LEU A 64 -5.18 -7.59 7.45
N LEU A 65 -4.34 -8.57 7.71
CA LEU A 65 -3.33 -8.44 8.77
C LEU A 65 -1.92 -8.54 8.15
N PRO A 66 -0.91 -8.00 8.87
CA PRO A 66 0.48 -8.04 8.38
C PRO A 66 0.86 -9.46 8.00
N ASP A 67 1.60 -9.59 6.88
CA ASP A 67 2.01 -10.93 6.43
C ASP A 67 3.25 -11.44 7.18
N SER A 68 3.76 -10.64 8.11
CA SER A 68 4.95 -11.01 8.88
C SER A 68 4.61 -11.66 10.23
N PRO A 69 5.13 -12.87 10.46
CA PRO A 69 4.90 -13.60 11.71
C PRO A 69 5.40 -12.78 12.91
N ILE A 70 6.57 -12.18 12.73
CA ILE A 70 7.18 -11.35 13.79
C ILE A 70 6.22 -10.25 14.20
N VAL A 71 5.69 -9.54 13.22
CA VAL A 71 4.75 -8.45 13.49
C VAL A 71 3.50 -8.97 14.19
N ARG A 72 2.97 -10.07 13.71
CA ARG A 72 1.76 -10.64 14.31
C ARG A 72 1.98 -11.01 15.78
N ASP A 73 3.13 -11.59 16.08
CA ASP A 73 3.44 -11.96 17.46
C ASP A 73 3.32 -10.76 18.40
N ARG A 74 3.79 -9.60 17.94
CA ARG A 74 3.70 -8.41 18.77
C ARG A 74 2.26 -8.07 19.07
N ILE A 75 1.44 -8.07 18.03
CA ILE A 75 0.02 -7.75 18.18
C ILE A 75 -0.64 -8.74 19.12
N VAL A 76 -0.44 -10.03 18.87
CA VAL A 76 -1.00 -11.08 19.69
C VAL A 76 -0.56 -10.94 21.15
N LYS A 77 0.55 -10.22 21.34
CA LYS A 77 1.10 -9.98 22.67
C LYS A 77 0.36 -8.88 23.42
N ARG A 78 0.54 -7.65 22.96
CA ARG A 78 -0.06 -6.47 23.59
C ARG A 78 -1.58 -6.44 23.51
N TYR A 79 -2.19 -7.56 23.10
CA TYR A 79 -3.64 -7.63 22.98
C TYR A 79 -4.18 -8.95 23.51
N HIS A 80 -3.30 -9.93 23.68
CA HIS A 80 -3.69 -11.23 24.18
C HIS A 80 -4.74 -11.88 23.28
N ALA A 81 -4.29 -12.79 22.43
CA ALA A 81 -5.17 -13.50 21.52
C ALA A 81 -4.87 -14.98 21.56
N LYS A 82 -5.85 -15.81 21.23
CA LYS A 82 -5.66 -17.26 21.24
C LYS A 82 -4.42 -17.66 20.46
N SER A 83 -4.28 -17.11 19.25
CA SER A 83 -3.13 -17.39 18.39
C SER A 83 -2.96 -16.29 17.37
N ARG A 84 -2.21 -16.59 16.31
CA ARG A 84 -1.98 -15.60 15.25
C ARG A 84 -3.09 -15.60 14.19
N GLN A 85 -3.99 -16.59 14.28
CA GLN A 85 -5.08 -16.69 13.35
C GLN A 85 -5.85 -15.39 13.24
N PRO A 86 -6.28 -15.02 12.02
CA PRO A 86 -7.03 -13.81 11.70
C PRO A 86 -8.11 -13.39 12.67
N PHE A 87 -9.06 -14.29 12.90
CA PHE A 87 -10.20 -14.02 13.81
C PHE A 87 -9.77 -13.46 15.15
N ASP A 88 -8.93 -14.21 15.87
CA ASP A 88 -8.45 -13.76 17.17
C ASP A 88 -7.86 -12.37 17.06
N LEU A 89 -7.14 -12.14 15.96
CA LEU A 89 -6.52 -10.84 15.71
C LEU A 89 -7.57 -9.76 15.43
N LEU A 90 -8.33 -9.98 14.37
CA LEU A 90 -9.37 -9.01 13.96
C LEU A 90 -10.42 -8.81 15.06
N SER A 91 -10.53 -9.80 15.94
CA SER A 91 -11.50 -9.74 17.04
C SER A 91 -11.03 -8.75 18.12
N GLU A 92 -10.00 -7.95 17.81
CA GLU A 92 -9.48 -6.98 18.75
C GLU A 92 -9.25 -5.62 18.12
N ILE A 93 -8.68 -5.62 16.91
CA ILE A 93 -8.38 -4.37 16.21
C ILE A 93 -9.17 -4.19 14.91
N GLY A 94 -10.14 -5.05 14.69
CA GLY A 94 -10.94 -4.96 13.46
C GLY A 94 -11.90 -3.77 13.42
N ARG A 95 -11.70 -2.82 14.33
CA ARG A 95 -12.56 -1.65 14.38
C ARG A 95 -12.14 -0.56 13.39
N ASP A 96 -10.89 -0.62 12.92
CA ASP A 96 -10.39 0.38 11.97
C ASP A 96 -9.30 -0.25 11.10
N SER A 97 -9.66 -1.30 10.36
CA SER A 97 -8.75 -1.97 9.47
C SER A 97 -8.71 -1.31 8.09
N VAL A 98 -8.17 -2.03 7.12
CA VAL A 98 -8.05 -1.49 5.76
C VAL A 98 -9.35 -1.70 4.96
N GLY A 99 -9.86 -0.60 4.41
CA GLY A 99 -11.08 -0.69 3.64
C GLY A 99 -12.28 -0.21 4.46
N ALA A 100 -13.35 -1.00 4.43
CA ALA A 100 -14.58 -0.66 5.18
C ALA A 100 -15.13 -1.90 5.82
N VAL A 101 -14.26 -2.83 6.16
CA VAL A 101 -14.68 -4.08 6.79
C VAL A 101 -14.62 -3.97 8.33
N THR A 102 -15.26 -2.94 8.87
CA THR A 102 -15.31 -2.74 10.31
C THR A 102 -15.94 -3.93 11.01
N LEU A 103 -15.27 -4.45 12.03
CA LEU A 103 -15.78 -5.61 12.75
C LEU A 103 -16.06 -5.27 14.22
N ILE A 104 -17.14 -5.86 14.75
CA ILE A 104 -17.53 -5.64 16.13
C ILE A 104 -18.19 -6.89 16.69
N PRO A 105 -17.76 -7.33 17.89
CA PRO A 105 -18.32 -8.53 18.53
C PRO A 105 -19.77 -8.33 18.98
N PRO A 113 -23.53 5.17 17.16
CA PRO A 113 -23.47 6.03 18.35
C PRO A 113 -22.07 6.57 18.61
N ILE A 114 -21.62 7.50 17.76
CA ILE A 114 -20.29 8.08 17.91
C ILE A 114 -20.06 9.28 16.99
N MET A 115 -18.93 9.94 17.20
CA MET A 115 -18.50 11.10 16.42
C MET A 115 -17.57 11.94 17.32
N ALA A 116 -16.69 11.26 18.04
CA ALA A 116 -15.77 11.92 18.94
C ALA A 116 -14.34 11.40 18.83
N TRP A 117 -13.42 12.05 19.53
CA TRP A 117 -12.02 11.68 19.50
C TRP A 117 -11.31 12.22 20.75
N GLU A 118 -10.02 11.98 20.83
CA GLU A 118 -9.22 12.44 21.98
C GLU A 118 -7.88 13.01 21.54
N LYS A 119 -7.73 14.32 21.69
CA LYS A 119 -6.51 15.01 21.32
C LYS A 119 -5.34 14.51 22.16
N LEU A 120 -4.18 14.41 21.53
CA LEU A 120 -2.99 13.94 22.20
C LEU A 120 -1.99 15.08 22.40
N THR A 121 -1.42 15.18 23.60
CA THR A 121 -0.43 16.22 23.88
C THR A 121 0.84 15.79 23.14
N GLU A 122 1.73 16.73 22.89
CA GLU A 122 2.96 16.40 22.18
C GLU A 122 3.71 15.30 22.95
N ALA A 123 3.48 15.25 24.26
CA ALA A 123 4.11 14.26 25.11
C ALA A 123 3.38 12.92 25.01
N ARG A 124 2.07 12.97 24.83
CA ARG A 124 1.28 11.77 24.73
C ARG A 124 1.44 11.16 23.32
N LEU A 125 1.59 12.03 22.32
CA LEU A 125 1.76 11.59 20.93
C LEU A 125 3.04 10.78 20.83
N GLU A 126 4.13 11.33 21.38
CA GLU A 126 5.42 10.64 21.37
C GLU A 126 5.35 9.32 22.11
N GLU A 127 4.35 9.19 22.98
CA GLU A 127 4.18 7.97 23.77
C GLU A 127 3.62 6.82 22.93
N VAL A 128 2.63 7.13 22.11
CA VAL A 128 2.00 6.11 21.27
C VAL A 128 2.89 5.66 20.13
N LEU A 129 3.54 6.61 19.47
CA LEU A 129 4.41 6.31 18.35
C LEU A 129 5.57 5.39 18.71
N THR A 130 6.19 5.62 19.86
CA THR A 130 7.31 4.80 20.30
C THR A 130 6.88 3.38 20.59
N ALA A 131 5.58 3.18 20.79
CA ALA A 131 5.04 1.85 21.08
C ALA A 131 5.21 0.89 19.90
N TYR A 132 5.65 1.43 18.75
CA TYR A 132 5.86 0.60 17.56
C TYR A 132 7.28 0.76 17.02
N LYS A 133 8.11 -0.26 17.23
CA LYS A 133 9.50 -0.25 16.74
C LYS A 133 10.30 -1.40 17.33
N GLY A 139 17.89 -7.21 15.23
CA GLY A 139 19.05 -8.05 15.55
C GLY A 139 19.85 -8.44 14.31
N MET A 140 19.91 -9.73 14.02
CA MET A 140 20.64 -10.21 12.86
C MET A 140 19.76 -11.14 12.01
N ILE A 141 19.24 -10.58 10.90
CA ILE A 141 18.37 -11.33 10.01
C ILE A 141 19.06 -11.58 8.67
N ASP A 146 18.36 -10.85 -3.55
CA ASP A 146 16.91 -10.71 -3.30
C ASP A 146 16.58 -9.65 -2.23
N PHE A 147 16.97 -8.41 -2.52
CA PHE A 147 16.73 -7.31 -1.61
C PHE A 147 15.28 -6.77 -1.72
N ARG A 148 14.71 -6.40 -0.58
CA ARG A 148 13.36 -5.84 -0.54
C ARG A 148 13.36 -4.88 0.68
N ILE A 149 12.73 -3.73 0.54
CA ILE A 149 12.70 -2.76 1.63
C ILE A 149 12.08 -3.35 2.92
N VAL A 151 12.34 -6.33 4.03
CA VAL A 151 13.05 -7.57 4.40
C VAL A 151 12.98 -7.83 5.91
N ALA A 152 13.14 -6.78 6.72
CA ALA A 152 13.11 -6.93 8.16
C ALA A 152 11.76 -7.48 8.58
N GLY A 153 10.74 -7.24 7.75
CA GLY A 153 9.40 -7.70 8.08
C GLY A 153 9.05 -7.28 9.50
N ALA A 154 9.73 -6.24 9.99
CA ALA A 154 9.52 -5.75 11.33
C ALA A 154 9.13 -4.28 11.34
N GLN A 155 8.03 -3.97 10.66
CA GLN A 155 7.52 -2.60 10.61
C GLN A 155 6.01 -2.65 10.88
N GLU A 156 5.64 -2.16 12.07
CA GLU A 156 4.25 -2.16 12.45
C GLU A 156 3.59 -0.83 12.08
N LYS A 157 2.51 -0.96 11.34
CA LYS A 157 1.70 0.15 10.86
C LYS A 157 0.64 0.48 11.93
N THR A 158 0.27 1.76 12.02
CA THR A 158 -0.73 2.21 12.95
C THR A 158 -1.48 3.34 12.29
N ALA A 159 -2.48 3.90 12.99
CA ALA A 159 -3.27 4.99 12.42
C ALA A 159 -3.71 6.00 13.46
N LEU A 160 -4.01 7.20 13.01
CA LEU A 160 -4.46 8.27 13.90
C LEU A 160 -5.42 9.25 13.17
N LEU A 161 -6.31 9.88 13.95
CA LEU A 161 -7.28 10.85 13.43
C LEU A 161 -6.71 12.24 13.55
N ARG A 162 -6.77 13.02 12.48
CA ARG A 162 -6.23 14.38 12.53
C ARG A 162 -7.33 15.44 12.47
N ILE A 163 -7.55 16.11 13.59
CA ILE A 163 -8.57 17.15 13.69
C ILE A 163 -7.84 18.49 13.62
N GLY A 164 -8.01 19.20 12.53
CA GLY A 164 -7.37 20.49 12.37
C GLY A 164 -5.86 20.30 12.26
N ASN A 165 -5.14 20.78 13.27
CA ASN A 165 -3.70 20.66 13.29
C ASN A 165 -3.26 19.77 14.48
N ASP A 166 -4.18 18.99 15.02
CA ASP A 166 -3.89 18.12 16.13
C ASP A 166 -4.03 16.64 15.80
N TRP A 167 -3.25 15.82 16.48
CA TRP A 167 -3.28 14.37 16.28
C TRP A 167 -4.07 13.76 17.42
N CYS A 168 -5.10 13.00 17.09
CA CYS A 168 -5.95 12.41 18.09
C CYS A 168 -6.22 10.96 17.80
N ILE A 169 -6.63 10.23 18.81
CA ILE A 169 -6.96 8.83 18.69
C ILE A 169 -8.47 8.74 18.56
N PRO A 170 -8.95 8.13 17.46
CA PRO A 170 -10.41 8.03 17.29
C PRO A 170 -11.04 7.36 18.50
N LYS A 171 -12.15 7.93 18.98
CA LYS A 171 -12.86 7.38 20.12
C LYS A 171 -14.13 6.64 19.69
N GLY A 172 -14.27 5.41 20.15
CA GLY A 172 -15.43 4.62 19.82
C GLY A 172 -15.20 3.83 18.53
N ILE A 173 -16.07 4.04 17.54
CA ILE A 173 -15.96 3.36 16.28
C ILE A 173 -15.49 4.38 15.25
N THR A 174 -15.21 5.59 15.72
CA THR A 174 -14.74 6.67 14.86
C THR A 174 -13.54 6.22 14.03
N PRO A 175 -13.56 6.53 12.72
CA PRO A 175 -12.48 6.14 11.78
C PRO A 175 -11.24 7.01 11.90
N THR A 176 -10.14 6.52 11.30
CA THR A 176 -8.89 7.25 11.27
C THR A 176 -8.76 7.88 9.91
N THR A 177 -7.95 8.93 9.79
CA THR A 177 -7.73 9.58 8.53
C THR A 177 -6.27 9.45 8.01
N HIS A 178 -5.40 8.86 8.84
CA HIS A 178 -4.00 8.73 8.47
C HIS A 178 -3.35 7.42 8.90
N ILE A 179 -2.46 6.91 8.06
CA ILE A 179 -1.72 5.69 8.38
C ILE A 179 -0.36 6.17 8.82
N ILE A 180 0.06 5.74 10.01
CA ILE A 180 1.33 6.17 10.58
C ILE A 180 2.43 5.11 10.48
N LYS A 181 3.56 5.54 9.95
CA LYS A 181 4.71 4.63 9.80
C LYS A 181 5.94 5.20 10.49
N LEU A 182 6.61 4.38 11.29
CA LEU A 182 7.82 4.80 11.96
C LEU A 182 9.01 4.30 11.17
N PRO A 183 10.21 4.86 11.44
CA PRO A 183 11.42 4.44 10.72
C PRO A 183 11.61 2.93 10.75
N ILE A 184 12.10 2.38 9.64
CA ILE A 184 12.37 0.96 9.57
C ILE A 184 13.66 0.68 10.33
N GLY A 185 14.59 1.64 10.28
CA GLY A 185 15.86 1.49 10.96
C GLY A 185 16.88 0.80 10.13
N GLU A 186 18.07 0.58 10.69
CA GLU A 186 19.14 -0.12 9.96
C GLU A 186 18.98 -1.64 10.13
N ILE A 187 18.95 -2.35 9.03
CA ILE A 187 18.78 -3.79 9.06
C ILE A 187 20.17 -4.39 8.97
N ARG A 188 20.52 -5.24 9.90
CA ARG A 188 21.84 -5.88 9.93
C ARG A 188 21.82 -7.27 9.34
N GLN A 189 22.44 -7.38 8.17
CA GLN A 189 22.52 -8.68 7.48
C GLN A 189 23.97 -9.17 7.57
N PRO A 190 24.19 -10.48 7.39
CA PRO A 190 25.53 -11.07 7.46
C PRO A 190 26.58 -10.34 6.63
N ASN A 191 26.25 -10.05 5.38
CA ASN A 191 27.18 -9.40 4.47
C ASN A 191 26.76 -8.01 4.05
N ALA A 192 25.69 -7.47 4.67
CA ALA A 192 25.27 -6.12 4.29
C ALA A 192 24.46 -5.41 5.37
N THR A 193 24.57 -4.08 5.41
CA THR A 193 23.84 -3.27 6.38
C THR A 193 22.89 -2.36 5.59
N LEU A 194 21.62 -2.63 5.70
CA LEU A 194 20.58 -1.87 5.01
C LEU A 194 20.20 -0.66 5.83
N ASP A 195 20.57 0.51 5.36
CA ASP A 195 20.26 1.74 6.09
C ASP A 195 18.91 2.33 5.70
N LEU A 196 17.90 1.92 6.40
CA LEU A 196 16.53 2.35 6.20
C LEU A 196 16.08 3.14 7.42
N SER A 197 17.02 3.87 8.04
CA SER A 197 16.72 4.68 9.20
C SER A 197 16.02 5.93 8.79
N GLN A 198 16.09 6.23 7.50
CA GLN A 198 15.41 7.44 6.97
C GLN A 198 14.27 7.05 6.00
N SER A 199 13.62 5.92 6.29
CA SER A 199 12.54 5.43 5.44
C SER A 199 11.35 6.40 5.46
N VAL A 200 11.20 7.13 6.57
CA VAL A 200 10.10 8.09 6.69
C VAL A 200 10.31 9.23 5.72
N ASP A 201 11.49 9.81 5.78
CA ASP A 201 11.85 10.92 4.86
C ASP A 201 11.89 10.42 3.42
N ASN A 202 12.28 9.18 3.26
CA ASN A 202 12.36 8.55 1.93
C ASN A 202 10.97 8.55 1.27
N GLU A 203 10.01 7.91 1.92
CA GLU A 203 8.68 7.82 1.39
C GLU A 203 8.04 9.21 1.24
N TYR A 204 8.23 10.06 2.27
CA TYR A 204 7.69 11.43 2.23
C TYR A 204 8.10 12.09 0.93
N TYR A 205 9.39 12.04 0.65
CA TYR A 205 9.96 12.61 -0.55
C TYR A 205 9.40 11.95 -1.81
N CYS A 206 9.47 10.60 -1.85
CA CYS A 206 8.95 9.84 -3.00
C CYS A 206 7.48 10.15 -3.31
N LEU A 207 6.69 10.39 -2.26
CA LEU A 207 5.27 10.70 -2.46
C LEU A 207 5.10 12.11 -3.10
N LEU A 208 6.05 13.00 -2.84
CA LEU A 208 5.99 14.34 -3.41
C LEU A 208 6.38 14.31 -4.86
N LEU A 209 7.41 13.54 -5.19
CA LEU A 209 7.86 13.43 -6.58
C LEU A 209 6.77 12.80 -7.44
N ALA A 210 6.04 11.85 -6.87
CA ALA A 210 4.98 11.16 -7.58
C ALA A 210 3.85 12.12 -7.90
N LYS A 211 3.49 12.96 -6.94
CA LYS A 211 2.43 13.95 -7.12
C LYS A 211 2.84 14.95 -8.20
N GLU A 212 4.06 15.48 -8.05
CA GLU A 212 4.61 16.45 -8.98
C GLU A 212 4.62 15.91 -10.40
N LEU A 213 4.68 14.59 -10.51
CA LEU A 213 4.73 13.93 -11.82
C LEU A 213 3.35 13.54 -12.33
N GLY A 214 2.29 13.98 -11.64
CA GLY A 214 0.94 13.69 -12.08
C GLY A 214 0.38 12.34 -11.67
N LEU A 215 1.06 11.64 -10.77
CA LEU A 215 0.59 10.32 -10.32
C LEU A 215 -0.46 10.46 -9.24
N ASN A 216 -1.40 9.53 -9.23
CA ASN A 216 -2.49 9.51 -8.24
C ASN A 216 -1.98 8.89 -6.93
N VAL A 217 -1.52 9.73 -6.02
CA VAL A 217 -1.02 9.28 -4.73
C VAL A 217 -1.55 10.17 -3.62
N PRO A 218 -1.57 9.64 -2.38
CA PRO A 218 -2.06 10.41 -1.23
C PRO A 218 -1.03 11.40 -0.73
N ASP A 219 -1.47 12.37 0.06
CA ASP A 219 -0.55 13.36 0.61
C ASP A 219 0.00 12.80 1.89
N ALA A 220 1.21 13.24 2.25
CA ALA A 220 1.86 12.72 3.47
C ALA A 220 2.55 13.86 4.20
N GLU A 221 2.48 13.81 5.53
CA GLU A 221 3.13 14.81 6.37
C GLU A 221 4.00 14.12 7.43
N ILE A 222 5.16 14.72 7.72
CA ILE A 222 6.04 14.18 8.73
C ILE A 222 5.63 14.65 10.11
N ILE A 223 5.28 13.71 10.98
CA ILE A 223 4.88 14.04 12.35
C ILE A 223 6.11 14.31 13.21
N LYS A 224 6.02 15.35 14.04
CA LYS A 224 7.13 15.74 14.93
C LYS A 224 6.66 15.61 16.37
N ALA A 225 6.95 14.48 16.99
CA ALA A 225 6.57 14.24 18.38
C ALA A 225 7.81 13.82 19.19
N GLY A 226 8.35 14.74 19.98
CA GLY A 226 9.51 14.43 20.76
C GLY A 226 10.71 14.29 19.86
N ASN A 227 11.53 13.27 20.10
CA ASN A 227 12.72 13.04 19.26
C ASN A 227 12.44 12.03 18.16
N VAL A 228 11.20 11.55 18.10
CA VAL A 228 10.82 10.58 17.08
C VAL A 228 10.04 11.22 15.93
N ARG A 229 10.54 11.04 14.71
CA ARG A 229 9.89 11.60 13.53
C ARG A 229 9.18 10.44 12.81
N ALA A 230 7.93 10.65 12.42
CA ALA A 230 7.16 9.62 11.76
C ALA A 230 6.51 10.14 10.46
N LEU A 231 5.89 9.23 9.70
CA LEU A 231 5.23 9.58 8.47
C LEU A 231 3.73 9.39 8.58
N ALA A 232 2.99 10.43 8.24
CA ALA A 232 1.52 10.37 8.32
C ALA A 232 0.94 10.47 6.91
N VAL A 233 0.38 9.38 6.43
CA VAL A 233 -0.17 9.36 5.07
C VAL A 233 -1.69 9.35 5.11
N GLU A 234 -2.30 10.30 4.37
CA GLU A 234 -3.78 10.37 4.32
C GLU A 234 -4.32 9.08 3.73
N ARG A 235 -5.37 8.55 4.35
CA ARG A 235 -5.99 7.33 3.88
C ARG A 235 -7.04 7.60 2.83
N PHE A 236 -6.84 7.06 1.62
CA PHE A 236 -7.83 7.27 0.55
C PHE A 236 -9.00 6.31 0.66
N ASP A 237 -9.00 5.52 1.74
CA ASP A 237 -10.11 4.60 2.00
C ASP A 237 -11.00 5.25 3.11
N ARG A 238 -10.92 6.59 3.19
CA ARG A 238 -11.67 7.37 4.15
C ARG A 238 -12.07 8.68 3.49
N ARG A 239 -13.11 9.32 4.02
CA ARG A 239 -13.58 10.60 3.43
C ARG A 239 -14.56 11.36 4.29
N TRP A 240 -14.30 12.65 4.48
CA TRP A 240 -15.19 13.52 5.27
C TRP A 240 -16.36 13.90 4.39
N ASN A 241 -17.55 14.05 4.98
CA ASN A 241 -18.69 14.45 4.21
C ASN A 241 -18.61 15.96 3.98
N ALA A 242 -19.56 16.50 3.21
CA ALA A 242 -19.55 17.94 2.90
C ALA A 242 -19.54 18.82 4.16
N ARG A 243 -20.27 18.41 5.19
CA ARG A 243 -20.36 19.20 6.42
C ARG A 243 -19.33 18.79 7.48
N ARG A 244 -18.36 17.97 7.06
CA ARG A 244 -17.31 17.52 7.99
C ARG A 244 -17.96 16.97 9.26
N THR A 245 -19.15 16.42 9.12
CA THR A 245 -19.87 15.84 10.25
C THR A 245 -19.52 14.39 10.46
N VAL A 246 -19.43 13.65 9.38
CA VAL A 246 -19.12 12.21 9.48
C VAL A 246 -17.92 11.84 8.61
N LEU A 247 -17.06 10.98 9.15
CA LEU A 247 -15.88 10.53 8.42
C LEU A 247 -16.20 9.11 7.93
N LEU A 248 -16.47 9.00 6.64
CA LEU A 248 -16.82 7.72 6.03
C LEU A 248 -15.68 6.83 5.56
N ARG A 249 -15.84 5.50 5.76
CA ARG A 249 -14.87 4.54 5.32
C ARG A 249 -15.30 4.04 3.92
N LEU A 250 -14.32 3.79 3.04
CA LEU A 250 -14.64 3.33 1.70
C LEU A 250 -14.14 1.91 1.45
N PRO A 251 -15.01 1.04 0.90
CA PRO A 251 -14.64 -0.36 0.60
C PRO A 251 -13.37 -0.42 -0.27
N GLN A 252 -12.55 -1.44 -0.05
CA GLN A 252 -11.28 -1.55 -0.78
C GLN A 252 -10.58 -2.87 -0.50
N GLU A 253 -9.86 -3.35 -1.49
CA GLU A 253 -9.09 -4.61 -1.35
C GLU A 253 -7.87 -4.58 -2.26
N ASP A 254 -6.86 -5.39 -1.94
CA ASP A 254 -5.63 -5.45 -2.72
C ASP A 254 -5.70 -6.59 -3.75
N MET A 255 -4.73 -6.61 -4.65
CA MET A 255 -4.72 -7.61 -5.75
C MET A 255 -4.68 -9.08 -5.23
N CYS A 256 -4.01 -9.32 -4.10
CA CYS A 256 -4.00 -10.66 -3.58
C CYS A 256 -5.38 -11.12 -3.23
N GLN A 257 -6.10 -10.29 -2.51
CA GLN A 257 -7.46 -10.59 -2.09
C GLN A 257 -8.39 -10.77 -3.28
N THR A 258 -8.43 -9.76 -4.14
CA THR A 258 -9.31 -9.81 -5.32
C THR A 258 -9.09 -11.06 -6.13
N PHE A 259 -7.85 -11.57 -6.14
CA PHE A 259 -7.52 -12.79 -6.87
C PHE A 259 -7.69 -14.04 -5.96
N GLY A 260 -8.02 -13.81 -4.69
CA GLY A 260 -8.18 -14.88 -3.75
C GLY A 260 -6.90 -15.59 -3.45
N LEU A 261 -5.79 -14.83 -3.44
CA LEU A 261 -4.46 -15.41 -3.19
C LEU A 261 -3.96 -15.04 -1.81
N PRO A 262 -3.13 -15.91 -1.20
CA PRO A 262 -2.59 -15.63 0.14
C PRO A 262 -1.46 -14.61 0.05
N SER A 263 -1.27 -13.84 1.09
CA SER A 263 -0.19 -12.82 1.11
C SER A 263 1.19 -13.40 0.84
N SER A 264 1.32 -14.71 0.95
CA SER A 264 2.61 -15.38 0.77
C SER A 264 3.06 -15.41 -0.66
N VAL A 265 2.13 -15.18 -1.59
CA VAL A 265 2.50 -15.16 -3.01
C VAL A 265 2.34 -13.76 -3.64
N LYS A 266 2.46 -12.72 -2.81
CA LYS A 266 2.32 -11.35 -3.30
C LYS A 266 3.37 -11.02 -4.34
N TYR A 267 4.54 -11.66 -4.27
CA TYR A 267 5.59 -11.39 -5.22
C TYR A 267 5.48 -12.36 -6.44
N GLU A 268 5.77 -11.83 -7.62
CA GLU A 268 5.69 -12.59 -8.84
C GLU A 268 6.71 -13.76 -8.86
N SER A 269 7.90 -13.52 -8.31
CA SER A 269 8.92 -14.55 -8.27
C SER A 269 8.46 -15.71 -7.39
N ASP A 270 7.40 -15.50 -6.62
CA ASP A 270 6.85 -16.50 -5.76
C ASP A 270 5.56 -17.05 -6.25
N GLY A 271 5.24 -16.71 -7.49
CA GLY A 271 4.00 -17.23 -8.07
C GLY A 271 2.86 -16.23 -8.06
N GLY A 272 3.14 -15.00 -7.66
CA GLY A 272 2.11 -13.98 -7.58
C GLY A 272 1.82 -13.33 -8.93
N PRO A 273 0.79 -12.50 -9.02
CA PRO A 273 0.41 -11.81 -10.27
C PRO A 273 1.44 -10.74 -10.68
N GLY A 274 1.71 -10.62 -11.98
CA GLY A 274 2.58 -9.60 -12.45
C GLY A 274 1.83 -8.52 -13.20
N ILE A 275 2.56 -7.76 -14.04
CA ILE A 275 1.98 -6.66 -14.80
C ILE A 275 0.90 -7.15 -15.77
N ALA A 276 1.14 -8.30 -16.38
CA ALA A 276 0.18 -8.89 -17.33
C ALA A 276 -1.19 -9.24 -16.75
N ARG A 277 -1.23 -9.94 -15.66
CA ARG A 277 -2.50 -10.34 -15.10
C ARG A 277 -3.32 -9.16 -14.52
N ILE A 278 -2.64 -8.20 -13.92
CA ILE A 278 -3.30 -7.07 -13.37
C ILE A 278 -3.84 -6.14 -14.48
N MET A 279 -3.01 -5.88 -15.48
CA MET A 279 -3.45 -5.07 -16.63
C MET A 279 -4.67 -5.68 -17.32
N ALA A 280 -4.70 -6.99 -17.35
CA ALA A 280 -5.78 -7.70 -17.99
C ALA A 280 -6.97 -7.59 -17.10
N PHE A 281 -6.73 -7.72 -15.81
CA PHE A 281 -7.79 -7.60 -14.82
C PHE A 281 -8.44 -6.17 -14.84
N LEU A 282 -7.62 -5.16 -15.03
CA LEU A 282 -8.09 -3.79 -15.05
C LEU A 282 -8.97 -3.47 -16.28
N MET A 283 -8.95 -4.33 -17.28
CA MET A 283 -9.78 -4.16 -18.43
C MET A 283 -11.25 -4.28 -18.07
N GLY A 284 -11.52 -4.76 -16.86
CA GLY A 284 -12.90 -4.91 -16.40
C GLY A 284 -13.23 -3.84 -15.37
N SER A 285 -12.31 -2.89 -15.18
CA SER A 285 -12.52 -1.80 -14.24
C SER A 285 -13.51 -0.75 -14.83
N SER A 286 -14.18 -0.01 -13.95
CA SER A 286 -15.11 1.02 -14.37
C SER A 286 -14.31 2.15 -14.99
N GLU A 287 -13.00 2.14 -14.77
CA GLU A 287 -12.09 3.14 -15.36
C GLU A 287 -10.92 2.40 -16.04
N ALA A 288 -11.29 1.44 -16.88
CA ALA A 288 -10.28 0.57 -17.57
C ALA A 288 -9.14 1.34 -18.22
N LEU A 289 -9.43 2.17 -19.21
CA LEU A 289 -8.43 2.93 -19.91
C LEU A 289 -7.57 3.72 -18.99
N LYS A 290 -8.21 4.51 -18.10
CA LYS A 290 -7.45 5.32 -17.17
C LYS A 290 -6.54 4.47 -16.24
N ASP A 291 -7.12 3.43 -15.68
CA ASP A 291 -6.44 2.57 -14.74
C ASP A 291 -5.21 1.85 -15.42
N ARG A 292 -5.38 1.43 -16.64
CA ARG A 292 -4.29 0.75 -17.35
C ARG A 292 -3.18 1.74 -17.64
N TYR A 293 -3.56 2.98 -17.96
CA TYR A 293 -2.57 4.00 -18.29
C TYR A 293 -1.79 4.32 -17.00
N ASP A 294 -2.52 4.63 -15.90
CA ASP A 294 -1.91 4.91 -14.66
C ASP A 294 -1.02 3.82 -14.12
N PHE A 295 -1.55 2.59 -14.14
CA PHE A 295 -0.76 1.43 -13.66
C PHE A 295 0.59 1.39 -14.42
N MET A 296 0.52 1.42 -15.73
CA MET A 296 1.71 1.36 -16.56
C MET A 296 2.64 2.49 -16.26
N LYS A 297 2.07 3.67 -16.00
CA LYS A 297 2.91 4.84 -15.69
C LYS A 297 3.65 4.66 -14.36
N PHE A 298 3.00 4.00 -13.43
CA PHE A 298 3.61 3.73 -12.11
C PHE A 298 4.80 2.75 -12.23
N GLN A 299 4.75 1.87 -13.26
CA GLN A 299 5.81 0.92 -13.47
C GLN A 299 7.08 1.66 -13.92
N VAL A 300 6.91 2.66 -14.81
CA VAL A 300 8.00 3.43 -15.29
C VAL A 300 8.54 4.26 -14.15
N PHE A 301 7.61 4.79 -13.34
CA PHE A 301 7.98 5.62 -12.21
C PHE A 301 8.80 4.81 -11.17
N GLN A 302 8.29 3.64 -10.80
CA GLN A 302 8.97 2.79 -9.86
C GLN A 302 10.41 2.55 -10.32
N TRP A 303 10.55 2.31 -11.61
CA TRP A 303 11.85 2.07 -12.20
C TRP A 303 12.76 3.28 -12.02
N LEU A 304 12.22 4.45 -12.35
CA LEU A 304 12.95 5.72 -12.24
C LEU A 304 13.42 6.04 -10.82
N ILE A 305 12.57 5.84 -9.83
CA ILE A 305 12.93 6.13 -8.46
C ILE A 305 13.49 4.91 -7.71
N GLY A 306 13.61 3.79 -8.40
CA GLY A 306 14.16 2.60 -7.74
C GLY A 306 13.24 1.97 -6.69
N ALA A 307 11.91 1.93 -6.94
CA ALA A 307 10.98 1.32 -6.02
C ALA A 307 10.98 -0.18 -6.29
N THR A 308 11.44 -0.97 -5.33
CA THR A 308 11.53 -2.41 -5.52
C THR A 308 10.47 -3.27 -4.90
N ASP A 309 9.62 -2.67 -4.08
CA ASP A 309 8.54 -3.47 -3.41
C ASP A 309 7.16 -3.27 -4.00
N GLY A 310 7.09 -3.17 -5.33
CA GLY A 310 5.80 -3.01 -5.98
C GLY A 310 5.07 -4.32 -6.15
N HIS A 311 5.03 -5.15 -5.11
CA HIS A 311 4.35 -6.40 -5.16
C HIS A 311 2.80 -6.25 -5.28
N ALA A 312 2.10 -7.38 -5.47
CA ALA A 312 0.68 -7.42 -5.66
C ALA A 312 -0.14 -6.67 -4.57
N LYS A 313 0.33 -6.72 -3.31
CA LYS A 313 -0.41 -6.06 -2.25
C LYS A 313 -0.15 -4.51 -2.22
N ASN A 314 0.60 -4.02 -3.21
CA ASN A 314 0.92 -2.62 -3.27
C ASN A 314 -0.05 -1.91 -4.25
N PHE A 315 -1.00 -2.67 -4.75
CA PHE A 315 -2.03 -2.16 -5.64
C PHE A 315 -3.40 -2.58 -5.14
N SER A 316 -4.35 -1.66 -5.15
CA SER A 316 -5.69 -1.98 -4.68
C SER A 316 -6.77 -1.39 -5.56
N VAL A 317 -7.99 -1.89 -5.38
CA VAL A 317 -9.15 -1.39 -6.14
C VAL A 317 -10.27 -0.99 -5.19
N PHE A 318 -11.03 0.05 -5.57
CA PHE A 318 -12.19 0.50 -4.81
C PHE A 318 -13.40 -0.33 -5.24
N ILE A 319 -14.07 -0.97 -4.28
CA ILE A 319 -15.28 -1.74 -4.56
C ILE A 319 -16.45 -0.78 -4.50
N GLN A 320 -17.13 -0.60 -5.65
CA GLN A 320 -18.28 0.30 -5.76
C GLN A 320 -19.60 -0.44 -5.83
N ALA A 321 -20.69 0.31 -5.58
CA ALA A 321 -22.04 -0.28 -5.59
C ALA A 321 -22.30 -1.08 -6.87
N GLY A 322 -22.70 -2.33 -6.70
CA GLY A 322 -22.97 -3.17 -7.87
C GLY A 322 -21.87 -4.17 -8.13
N GLY A 323 -20.76 -4.03 -7.39
CA GLY A 323 -19.64 -4.94 -7.54
C GLY A 323 -18.66 -4.45 -8.58
N SER A 324 -18.80 -3.19 -8.97
CA SER A 324 -17.91 -2.61 -9.96
C SER A 324 -16.62 -2.17 -9.23
N TYR A 325 -15.51 -2.18 -9.93
CA TYR A 325 -14.24 -1.82 -9.29
C TYR A 325 -13.39 -0.88 -10.18
N ARG A 326 -12.46 -0.19 -9.55
CA ARG A 326 -11.56 0.71 -10.23
C ARG A 326 -10.29 0.83 -9.38
N LEU A 327 -9.16 1.14 -10.02
CA LEU A 327 -7.90 1.31 -9.32
C LEU A 327 -7.93 2.39 -8.28
N THR A 328 -7.28 2.12 -7.13
CA THR A 328 -7.16 3.12 -6.07
C THR A 328 -5.82 3.83 -6.31
N PRO A 329 -5.53 4.88 -5.52
CA PRO A 329 -4.26 5.58 -5.70
C PRO A 329 -3.11 4.63 -5.32
N PHE A 330 -1.90 5.06 -5.60
CA PHE A 330 -0.68 4.25 -5.30
C PHE A 330 -0.17 4.62 -3.91
N TYR A 331 0.45 3.63 -3.24
CA TYR A 331 0.89 3.85 -1.87
C TYR A 331 2.17 3.07 -1.54
N ASP A 332 2.64 3.18 -0.29
CA ASP A 332 3.84 2.55 0.21
C ASP A 332 4.94 2.65 -0.82
N ILE A 333 5.26 3.85 -1.22
CA ILE A 333 6.25 4.13 -2.20
C ILE A 333 7.60 4.54 -1.50
N ILE A 334 8.60 3.64 -1.54
CA ILE A 334 9.87 3.87 -0.92
C ILE A 334 10.96 3.56 -1.92
N SER A 335 11.94 4.45 -2.01
CA SER A 335 13.06 4.28 -2.93
C SER A 335 14.16 3.45 -2.26
N ALA A 336 14.88 2.70 -3.04
CA ALA A 336 15.98 1.87 -2.54
C ALA A 336 17.35 2.58 -2.73
N PHE A 337 17.35 3.65 -3.51
CA PHE A 337 18.54 4.44 -3.76
C PHE A 337 19.27 4.86 -2.48
N PRO A 338 18.54 5.35 -1.47
CA PRO A 338 19.15 5.76 -0.21
C PRO A 338 19.91 4.64 0.51
N VAL A 339 19.61 3.40 0.15
CA VAL A 339 20.25 2.26 0.79
C VAL A 339 21.49 1.83 -0.02
N LEU A 340 21.74 2.53 -1.12
CA LEU A 340 22.89 2.23 -1.96
C LEU A 340 24.20 2.75 -1.34
N GLY A 341 25.30 2.08 -1.67
CA GLY A 341 26.58 2.52 -1.19
C GLY A 341 27.16 1.80 0.02
N GLY A 342 28.38 2.20 0.38
CA GLY A 342 29.06 1.61 1.51
C GLY A 342 28.84 0.15 1.75
N THR A 343 28.37 -0.19 2.94
CA THR A 343 28.11 -1.56 3.32
C THR A 343 26.69 -1.97 2.98
N GLY A 344 26.01 -1.14 2.24
CA GLY A 344 24.64 -1.42 1.86
C GLY A 344 24.59 -2.23 0.58
N ILE A 345 23.61 -1.91 -0.27
CA ILE A 345 23.44 -2.62 -1.54
C ILE A 345 23.99 -1.76 -2.65
N HIS A 346 24.02 -2.31 -3.85
CA HIS A 346 24.53 -1.57 -5.01
C HIS A 346 23.51 -1.61 -6.16
N ILE A 347 23.47 -0.54 -6.95
CA ILE A 347 22.54 -0.42 -8.07
C ILE A 347 22.30 -1.74 -8.76
N SER A 348 23.36 -2.50 -8.97
CA SER A 348 23.27 -3.79 -9.65
C SER A 348 22.30 -4.74 -8.99
N ASP A 349 21.97 -4.48 -7.72
CA ASP A 349 21.04 -5.34 -6.98
C ASP A 349 19.59 -4.88 -7.00
N LEU A 350 19.34 -3.69 -7.54
CA LEU A 350 17.97 -3.18 -7.58
C LEU A 350 17.10 -3.86 -8.65
N LYS A 351 16.10 -4.62 -8.19
CA LYS A 351 15.22 -5.30 -9.11
C LYS A 351 13.71 -4.94 -8.86
N LEU A 352 12.97 -4.73 -9.95
CA LEU A 352 11.56 -4.47 -9.84
C LEU A 352 10.85 -5.72 -9.34
N ALA A 353 9.77 -5.58 -8.62
CA ALA A 353 9.04 -6.71 -8.12
C ALA A 353 8.25 -7.35 -9.25
N MET A 354 7.97 -6.56 -10.27
CA MET A 354 7.24 -7.09 -11.46
C MET A 354 8.07 -6.82 -12.70
N GLY A 355 8.65 -7.89 -13.24
CA GLY A 355 9.53 -7.70 -14.43
C GLY A 355 8.84 -7.35 -15.72
N LEU A 356 9.57 -6.72 -16.60
CA LEU A 356 9.11 -6.28 -17.88
C LEU A 356 9.54 -7.28 -18.94
N ASN A 357 9.16 -7.04 -20.19
CA ASN A 357 9.52 -7.95 -21.30
C ASN A 357 10.94 -7.69 -21.76
N ALA A 358 11.64 -8.78 -22.04
CA ALA A 358 13.02 -8.69 -22.52
C ALA A 358 13.10 -9.36 -23.90
N SER A 359 14.23 -9.18 -24.59
CA SER A 359 14.40 -9.78 -25.91
C SER A 359 14.06 -11.25 -25.94
N LYS A 360 14.46 -11.98 -24.91
CA LYS A 360 14.17 -13.42 -24.86
C LYS A 360 13.84 -13.85 -23.43
N GLY A 361 13.11 -12.99 -22.72
CA GLY A 361 12.73 -13.30 -21.35
C GLY A 361 12.22 -12.07 -20.62
N LYS A 362 12.53 -11.97 -19.32
CA LYS A 362 12.10 -10.82 -18.53
C LYS A 362 13.26 -9.89 -18.14
N LYS A 363 12.92 -8.65 -17.82
CA LYS A 363 13.91 -7.67 -17.39
C LYS A 363 13.47 -7.15 -16.02
N THR A 364 14.37 -7.22 -15.05
CA THR A 364 14.05 -6.77 -13.70
C THR A 364 15.17 -5.85 -13.18
N ALA A 365 16.30 -5.84 -13.88
CA ALA A 365 17.42 -5.03 -13.47
C ALA A 365 17.17 -3.57 -13.81
N ILE A 366 16.83 -2.80 -12.80
CA ILE A 366 16.59 -1.38 -12.98
C ILE A 366 17.76 -0.75 -13.70
N ASP A 367 18.93 -1.40 -13.59
CA ASP A 367 20.15 -0.87 -14.20
C ASP A 367 20.22 -1.27 -15.68
N LYS A 368 19.67 -2.45 -16.00
CA LYS A 368 19.69 -2.93 -17.37
C LYS A 368 18.32 -2.78 -18.04
N ILE A 369 17.61 -1.71 -17.70
CA ILE A 369 16.28 -1.46 -18.26
C ILE A 369 16.26 -0.11 -18.94
N TYR A 370 15.72 -0.09 -20.17
CA TYR A 370 15.66 1.17 -20.94
C TYR A 370 14.27 1.30 -21.55
N PRO A 371 13.95 2.48 -22.10
CA PRO A 371 12.67 2.75 -22.72
C PRO A 371 12.14 1.66 -23.61
N ARG A 372 13.02 1.04 -24.39
CA ARG A 372 12.63 -0.05 -25.27
C ARG A 372 11.94 -1.18 -24.51
N HIS A 373 12.36 -1.41 -23.28
CA HIS A 373 11.74 -2.49 -22.46
C HIS A 373 10.28 -2.23 -22.13
N PHE A 374 9.94 -0.97 -21.80
CA PHE A 374 8.56 -0.62 -21.45
C PHE A 374 7.68 -0.65 -22.70
N LEU A 375 8.23 -0.16 -23.84
CA LEU A 375 7.53 -0.15 -25.09
C LEU A 375 7.22 -1.57 -25.52
N ALA A 376 8.12 -2.48 -25.23
CA ALA A 376 7.94 -3.89 -25.63
C ALA A 376 6.86 -4.53 -24.79
N THR A 377 6.77 -4.13 -23.52
CA THR A 377 5.73 -4.72 -22.64
C THR A 377 4.34 -4.21 -23.03
N ALA A 378 4.25 -2.95 -23.37
CA ALA A 378 2.96 -2.35 -23.80
C ALA A 378 2.39 -3.09 -24.96
N LYS A 379 3.19 -3.25 -26.02
CA LYS A 379 2.75 -3.96 -27.23
C LYS A 379 2.11 -5.32 -26.97
N VAL A 380 2.74 -6.14 -26.13
CA VAL A 380 2.19 -7.46 -25.82
C VAL A 380 0.97 -7.40 -24.93
N LEU A 381 0.90 -6.35 -24.10
CA LEU A 381 -0.25 -6.16 -23.19
C LEU A 381 -1.39 -5.40 -23.88
N ARG A 382 -1.19 -5.06 -25.14
CA ARG A 382 -2.19 -4.33 -25.92
C ARG A 382 -2.45 -2.95 -25.29
N PHE A 383 -1.36 -2.29 -24.88
CA PHE A 383 -1.42 -0.98 -24.30
C PHE A 383 -0.91 -0.05 -25.39
N PRO A 384 -1.79 0.83 -25.92
CA PRO A 384 -1.43 1.77 -27.00
C PRO A 384 -0.01 2.29 -26.93
N GLU A 385 0.79 1.96 -27.94
CA GLU A 385 2.17 2.41 -27.98
C GLU A 385 2.24 3.90 -27.84
N VAL A 386 1.29 4.58 -28.46
CA VAL A 386 1.26 6.05 -28.41
C VAL A 386 1.13 6.53 -26.95
N GLN A 387 0.55 5.68 -26.10
CA GLN A 387 0.38 6.00 -24.69
C GLN A 387 1.65 5.71 -23.93
N MET A 388 2.29 4.58 -24.24
CA MET A 388 3.54 4.24 -23.57
C MET A 388 4.55 5.29 -23.90
N HIS A 389 4.58 5.69 -25.18
CA HIS A 389 5.52 6.73 -25.64
C HIS A 389 5.28 8.02 -24.90
N GLU A 390 4.02 8.39 -24.76
CA GLU A 390 3.68 9.64 -24.08
C GLU A 390 4.16 9.60 -22.61
N ILE A 391 4.09 8.41 -21.99
CA ILE A 391 4.53 8.27 -20.62
C ILE A 391 6.06 8.47 -20.53
N LEU A 392 6.78 7.80 -21.43
CA LEU A 392 8.22 7.90 -21.46
C LEU A 392 8.63 9.33 -21.78
N SER A 393 8.00 9.89 -22.80
CA SER A 393 8.28 11.25 -23.23
C SER A 393 7.96 12.26 -22.16
N ASP A 394 6.82 12.07 -21.48
CA ASP A 394 6.41 13.00 -20.42
C ASP A 394 7.41 13.07 -19.25
N PHE A 395 7.98 11.94 -18.88
CA PHE A 395 8.95 11.92 -17.80
C PHE A 395 10.28 12.54 -18.24
N ALA A 396 10.62 12.34 -19.50
CA ALA A 396 11.84 12.86 -20.07
C ALA A 396 12.02 14.37 -19.96
N ARG A 397 10.92 15.12 -20.03
CA ARG A 397 11.01 16.56 -19.95
C ARG A 397 10.48 17.17 -18.65
N MET A 398 9.90 16.34 -17.80
CA MET A 398 9.36 16.86 -16.54
C MET A 398 10.21 16.48 -15.31
N ILE A 399 10.97 15.40 -15.43
CA ILE A 399 11.82 14.93 -14.32
C ILE A 399 12.77 16.00 -13.80
N PRO A 400 13.56 16.61 -14.68
CA PRO A 400 14.51 17.65 -14.26
C PRO A 400 13.89 18.71 -13.36
N ALA A 401 12.80 19.31 -13.83
CA ALA A 401 12.10 20.32 -13.07
C ALA A 401 11.41 19.73 -11.86
N ALA A 402 10.78 18.57 -12.06
CA ALA A 402 10.06 17.89 -10.97
C ALA A 402 10.92 17.81 -9.71
N LEU A 403 12.13 17.31 -9.88
CA LEU A 403 13.07 17.16 -8.77
C LEU A 403 13.33 18.49 -8.05
N ASP A 404 13.73 19.51 -8.81
CA ASP A 404 14.01 20.82 -8.23
C ASP A 404 12.80 21.37 -7.50
N ASN A 405 11.62 21.26 -8.12
CA ASN A 405 10.41 21.77 -7.48
C ASN A 405 10.17 21.10 -6.13
N VAL A 406 10.28 19.77 -6.12
CA VAL A 406 10.08 19.00 -4.90
C VAL A 406 11.08 19.47 -3.86
N LYS A 407 12.33 19.62 -4.28
CA LYS A 407 13.40 20.06 -3.40
C LYS A 407 13.14 21.44 -2.81
N THR A 408 12.95 22.42 -3.70
CA THR A 408 12.70 23.79 -3.26
C THR A 408 11.40 23.88 -2.44
N SER A 409 10.77 22.73 -2.21
CA SER A 409 9.52 22.72 -1.46
C SER A 409 9.65 21.82 -0.22
N LEU A 410 10.88 21.39 0.05
CA LEU A 410 11.15 20.54 1.21
C LEU A 410 11.59 21.38 2.42
N PRO A 411 11.34 20.89 3.63
CA PRO A 411 11.73 21.62 4.84
C PRO A 411 13.24 21.78 4.94
N THR A 412 13.68 22.58 5.90
CA THR A 412 15.12 22.83 6.08
C THR A 412 15.82 21.70 6.82
N ASP A 413 15.08 20.97 7.64
CA ASP A 413 15.66 19.87 8.40
C ASP A 413 15.62 18.55 7.61
N PHE A 414 15.45 18.66 6.30
CA PHE A 414 15.40 17.47 5.45
C PHE A 414 16.81 17.09 5.02
N PRO A 415 17.19 15.83 5.25
CA PRO A 415 18.51 15.27 4.90
C PRO A 415 18.88 15.35 3.43
N GLU A 416 20.06 15.89 3.14
CA GLU A 416 20.53 16.02 1.77
C GLU A 416 20.85 14.66 1.16
N ASN A 417 21.52 13.82 1.93
CA ASN A 417 21.91 12.48 1.46
C ASN A 417 20.75 11.74 0.80
N VAL A 418 19.54 11.91 1.35
CA VAL A 418 18.36 11.26 0.80
C VAL A 418 18.04 11.85 -0.56
N VAL A 419 17.96 13.18 -0.63
CA VAL A 419 17.66 13.88 -1.88
C VAL A 419 18.76 13.60 -2.91
N THR A 420 20.01 13.68 -2.48
CA THR A 420 21.13 13.44 -3.38
C THR A 420 21.12 12.00 -3.89
N ALA A 421 20.83 11.06 -2.99
CA ALA A 421 20.80 9.64 -3.34
C ALA A 421 19.71 9.35 -4.35
N VAL A 422 18.57 9.99 -4.17
CA VAL A 422 17.42 9.78 -5.08
C VAL A 422 17.53 10.62 -6.35
N GLU A 423 17.74 11.92 -6.20
CA GLU A 423 17.86 12.81 -7.33
C GLU A 423 18.93 12.41 -8.34
N SER A 424 20.13 12.13 -7.86
CA SER A 424 21.21 11.74 -8.75
C SER A 424 20.84 10.48 -9.50
N ASN A 425 20.49 9.42 -8.76
CA ASN A 425 20.13 8.14 -9.36
C ASN A 425 18.93 8.29 -10.29
N VAL A 426 18.05 9.23 -9.97
CA VAL A 426 16.88 9.49 -10.81
C VAL A 426 17.32 10.15 -12.12
N LEU A 427 18.16 11.17 -12.01
CA LEU A 427 18.66 11.87 -13.19
C LEU A 427 19.51 10.94 -14.03
N ARG A 428 20.13 9.97 -13.38
CA ARG A 428 20.97 9.01 -14.08
C ARG A 428 20.12 8.13 -14.97
N LEU A 429 18.90 7.84 -14.51
CA LEU A 429 17.99 7.00 -15.29
C LEU A 429 17.23 7.89 -16.30
N HIS A 430 16.84 9.07 -15.84
CA HIS A 430 16.12 10.02 -16.68
C HIS A 430 16.91 10.38 -17.93
N GLY A 431 18.21 10.16 -17.88
CA GLY A 431 19.06 10.47 -19.02
C GLY A 431 18.71 9.57 -20.18
N ARG A 432 18.42 8.31 -19.88
CA ARG A 432 18.07 7.34 -20.91
C ARG A 432 16.76 7.72 -21.60
N LEU A 433 16.07 8.69 -21.03
CA LEU A 433 14.80 9.16 -21.60
C LEU A 433 15.04 10.33 -22.53
N SER A 434 15.76 11.35 -22.04
CA SER A 434 16.06 12.52 -22.84
C SER A 434 16.79 12.12 -24.11
N ARG A 435 17.68 11.14 -23.99
CA ARG A 435 18.45 10.65 -25.14
C ARG A 435 17.60 9.68 -25.96
N GLU A 436 16.30 9.98 -26.05
CA GLU A 436 15.35 9.17 -26.82
C GLU A 436 14.03 9.92 -26.99
N TYR A 437 13.82 10.93 -26.14
CA TYR A 437 12.59 11.72 -26.19
C TYR A 437 12.87 13.17 -25.85
#